data_7OR5
#
_entry.id   7OR5
#
_cell.length_a   82.427
_cell.length_b   111.571
_cell.length_c   62.550
_cell.angle_alpha   90.000
_cell.angle_beta   90.000
_cell.angle_gamma   90.000
#
_symmetry.space_group_name_H-M   'C 2 2 21'
#
loop_
_entity.id
_entity.type
_entity.pdbx_description
1 polymer '14-3-3 protein sigma'
2 polymer 'Neurogenic locus notch homolog protein 4'
3 non-polymer 'CHLORIDE ION'
4 non-polymer ~{N}-[(5-carbamimidoyl-3-phenyl-thiophen-2-yl)methyl]-2,3-dihydro-1-benzofuran-7-carboxamide
5 water water
#
loop_
_entity_poly.entity_id
_entity_poly.type
_entity_poly.pdbx_seq_one_letter_code
_entity_poly.pdbx_strand_id
1 'polypeptide(L)'
;GAMGSMERASLIQKAKLAEQAERYEDMAAFMKGAVEKGEELS(CSO)EERNLLSVAYKNVVGGQRAAWRVLSSIEQKSNE
EGSEEKGPEVREYREKVETELQGVCDTVLGLLDSHLIKEAGDAESRVFYLKMKGDYYRYLAEVATGDDKKRIIDSARSAY
QEAMDISKKEMPPTNPIRLGLALNFSVFHYEIANSPEEAISLAKTTFDEAMADLHTLSEDSYKDSTLIMQLLRDNLTLWT
ADNAGEEGGEAPQEPQS
;
A
2 'polypeptide(L)' RGRRF(SEP)AGMRG B
#
loop_
_chem_comp.id
_chem_comp.type
_chem_comp.name
_chem_comp.formula
09W non-polymer ~{N}-[(5-carbamimidoyl-3-phenyl-thiophen-2-yl)methyl]-2,3-dihydro-1-benzofuran-7-carboxamide 'C21 H19 N3 O2 S'
CL non-polymer 'CHLORIDE ION' 'Cl -1'
#
# COMPACT_ATOMS: atom_id res chain seq x y z
N GLY A 1 -5.53 -16.41 18.26
CA GLY A 1 -4.32 -15.64 17.85
C GLY A 1 -3.34 -15.61 18.99
N ALA A 2 -2.04 -15.71 18.66
CA ALA A 2 -1.01 -15.73 19.67
C ALA A 2 -0.93 -14.44 20.44
N MET A 3 -1.58 -13.38 19.97
CA MET A 3 -1.57 -12.10 20.67
C MET A 3 -2.85 -11.87 21.45
N GLY A 4 -3.71 -12.89 21.53
CA GLY A 4 -5.00 -12.74 22.17
C GLY A 4 -4.93 -12.44 23.66
N SER A 5 -3.85 -12.87 24.32
CA SER A 5 -3.71 -12.64 25.76
C SER A 5 -3.03 -11.32 26.09
N MET A 6 -2.56 -10.55 25.11
CA MET A 6 -1.91 -9.28 25.41
C MET A 6 -2.89 -8.11 25.28
N GLU A 7 -2.75 -7.15 26.19
CA GLU A 7 -3.56 -5.95 26.16
C GLU A 7 -3.37 -5.21 24.84
N ARG A 8 -4.45 -4.58 24.37
CA ARG A 8 -4.36 -3.74 23.18
C ARG A 8 -3.28 -2.68 23.32
N ALA A 9 -3.28 -1.95 24.44
CA ALA A 9 -2.31 -0.87 24.59
C ALA A 9 -0.87 -1.39 24.61
N SER A 10 -0.64 -2.59 25.17
CA SER A 10 0.70 -3.16 25.19
C SER A 10 1.15 -3.59 23.80
N LEU A 11 0.21 -4.14 23.00
CA LEU A 11 0.51 -4.46 21.61
C LEU A 11 0.90 -3.21 20.82
N ILE A 12 0.18 -2.10 21.00
CA ILE A 12 0.55 -0.87 20.31
C ILE A 12 1.90 -0.37 20.79
N GLN A 13 2.13 -0.39 22.11
CA GLN A 13 3.44 0.04 22.61
C GLN A 13 4.57 -0.81 22.03
N LYS A 14 4.38 -2.13 21.98
CA LYS A 14 5.42 -3.01 21.46
C LYS A 14 5.60 -2.87 19.95
N ALA A 15 4.53 -2.55 19.21
CA ALA A 15 4.69 -2.25 17.79
C ALA A 15 5.62 -1.06 17.58
N LYS A 16 5.48 -0.03 18.43
CA LYS A 16 6.35 1.15 18.32
C LYS A 16 7.79 0.79 18.68
N LEU A 17 7.98 -0.04 19.68
CA LEU A 17 9.32 -0.53 20.01
C LEU A 17 9.90 -1.34 18.85
N ALA A 18 9.11 -2.22 18.26
CA ALA A 18 9.62 -3.06 17.17
C ALA A 18 10.01 -2.22 15.97
N GLU A 19 9.26 -1.15 15.69
CA GLU A 19 9.66 -0.20 14.66
C GLU A 19 11.03 0.39 14.98
N GLN A 20 11.24 0.82 16.23
CA GLN A 20 12.53 1.42 16.56
C GLN A 20 13.67 0.41 16.42
N ALA A 21 13.40 -0.86 16.69
CA ALA A 21 14.36 -1.94 16.57
C ALA A 21 14.47 -2.50 15.16
N GLU A 22 13.70 -1.99 14.21
CA GLU A 22 13.65 -2.50 12.84
C GLU A 22 13.30 -3.99 12.81
N ARG A 23 12.38 -4.37 13.71
CA ARG A 23 11.85 -5.74 13.79
C ARG A 23 10.45 -5.71 13.20
N TYR A 24 10.37 -5.72 11.86
CA TYR A 24 9.09 -5.43 11.23
C TYR A 24 8.13 -6.61 11.23
N GLU A 25 8.64 -7.85 11.20
N GLU A 25 8.63 -7.85 11.21
CA GLU A 25 7.76 -9.01 11.36
CA GLU A 25 7.73 -8.99 11.35
C GLU A 25 7.07 -8.96 12.72
C GLU A 25 7.06 -8.98 12.73
N ASP A 26 7.82 -8.67 13.78
CA ASP A 26 7.23 -8.51 15.10
C ASP A 26 6.21 -7.39 15.09
N MET A 27 6.58 -6.25 14.50
CA MET A 27 5.69 -5.10 14.42
C MET A 27 4.36 -5.47 13.80
N ALA A 28 4.42 -6.22 12.69
CA ALA A 28 3.20 -6.64 12.01
C ALA A 28 2.39 -7.59 12.88
N ALA A 29 3.04 -8.55 13.54
CA ALA A 29 2.32 -9.46 14.42
C ALA A 29 1.63 -8.70 15.54
N PHE A 30 2.30 -7.68 16.10
CA PHE A 30 1.69 -6.90 17.17
C PHE A 30 0.48 -6.13 16.66
N MET A 31 0.62 -5.50 15.48
CA MET A 31 -0.50 -4.73 14.94
C MET A 31 -1.66 -5.63 14.48
N LYS A 32 -1.37 -6.83 13.95
CA LYS A 32 -2.44 -7.79 13.68
C LYS A 32 -3.21 -8.11 14.96
N GLY A 33 -2.47 -8.37 16.05
CA GLY A 33 -3.13 -8.61 17.33
C GLY A 33 -3.98 -7.43 17.76
N ALA A 34 -3.47 -6.20 17.58
CA ALA A 34 -4.25 -5.02 17.96
C ALA A 34 -5.54 -4.93 17.15
N VAL A 35 -5.45 -5.13 15.83
CA VAL A 35 -6.66 -5.13 14.99
C VAL A 35 -7.66 -6.16 15.49
N GLU A 36 -7.17 -7.36 15.82
CA GLU A 36 -8.07 -8.46 16.20
C GLU A 36 -8.77 -8.21 17.53
N LYS A 37 -8.38 -7.18 18.29
CA LYS A 37 -9.17 -6.81 19.47
C LYS A 37 -10.55 -6.29 19.10
N GLY A 38 -10.77 -5.90 17.84
CA GLY A 38 -12.08 -5.53 17.37
C GLY A 38 -12.42 -4.06 17.41
N GLU A 39 -11.61 -3.23 18.04
N GLU A 39 -11.58 -3.22 17.99
CA GLU A 39 -11.89 -1.81 18.03
CA GLU A 39 -11.85 -1.79 18.07
C GLU A 39 -11.36 -1.16 16.75
C GLU A 39 -11.24 -1.06 16.88
N GLU A 40 -11.93 -0.01 16.41
CA GLU A 40 -11.40 0.76 15.28
C GLU A 40 -9.99 1.22 15.63
N LEU A 41 -9.20 1.57 14.61
CA LEU A 41 -7.84 2.06 14.79
C LEU A 41 -7.80 3.58 14.64
N SER A 42 -6.99 4.22 15.47
CA SER A 42 -6.69 5.64 15.30
C SER A 42 -5.79 5.92 14.11
N CSO A 43 -5.62 7.20 13.77
N CSO A 43 -5.61 7.19 13.78
CA CSO A 43 -4.73 7.59 12.68
CA CSO A 43 -4.75 7.59 12.67
CB CSO A 43 -4.69 9.13 12.56
CB CSO A 43 -4.74 9.11 12.55
SG CSO A 43 -3.42 9.72 11.40
SG CSO A 43 -3.76 9.60 11.11
C CSO A 43 -3.32 7.01 12.87
C CSO A 43 -3.32 7.05 12.86
O CSO A 43 -2.75 6.37 11.99
O CSO A 43 -2.74 6.47 11.94
OD CSO A 43 -4.01 9.45 9.73
OD CSO A 43 -2.15 10.13 11.64
HB2 CSO A 43 -4.50 9.51 13.43
HB2 CSO A 43 -4.35 9.50 13.34
HB3 CSO A 43 -5.56 9.44 12.24
HB3 CSO A 43 -5.64 9.43 12.42
HD CSO A 43 -4.13 8.51 9.57
HD CSO A 43 -1.60 10.34 10.87
N GLU A 44 -2.78 7.21 14.06
CA GLU A 44 -1.43 6.74 14.37
C GLU A 44 -1.36 5.21 14.28
N GLU A 45 -2.38 4.56 14.79
CA GLU A 45 -2.43 3.09 14.75
C GLU A 45 -2.53 2.58 13.31
N ARG A 46 -3.32 3.25 12.47
CA ARG A 46 -3.39 2.86 11.07
C ARG A 46 -2.04 2.97 10.41
N ASN A 47 -1.29 4.02 10.76
CA ASN A 47 0.03 4.16 10.18
C ASN A 47 0.97 3.06 10.64
N LEU A 48 0.86 2.66 11.91
CA LEU A 48 1.72 1.59 12.40
C LEU A 48 1.43 0.29 11.66
N LEU A 49 0.15 0.01 11.43
CA LEU A 49 -0.25 -1.17 10.66
C LEU A 49 0.35 -1.14 9.27
N SER A 50 0.19 0.01 8.59
CA SER A 50 0.69 0.19 7.24
C SER A 50 2.21 0.05 7.16
N VAL A 51 2.94 0.73 8.03
CA VAL A 51 4.41 0.62 8.04
C VAL A 51 4.88 -0.81 8.27
N ALA A 52 4.23 -1.52 9.19
CA ALA A 52 4.71 -2.86 9.51
C ALA A 52 4.58 -3.77 8.30
N TYR A 53 3.40 -3.83 7.71
CA TYR A 53 3.22 -4.76 6.61
C TYR A 53 3.92 -4.29 5.34
N LYS A 54 4.07 -2.98 5.15
CA LYS A 54 4.83 -2.48 4.01
C LYS A 54 6.26 -3.00 4.04
N ASN A 55 6.88 -3.00 5.22
CA ASN A 55 8.26 -3.47 5.32
C ASN A 55 8.34 -4.99 5.16
N VAL A 56 7.38 -5.71 5.74
CA VAL A 56 7.40 -7.17 5.59
C VAL A 56 7.23 -7.56 4.13
N VAL A 57 6.16 -7.07 3.48
CA VAL A 57 5.91 -7.43 2.10
C VAL A 57 6.96 -6.83 1.19
N GLY A 58 7.59 -5.72 1.59
CA GLY A 58 8.59 -5.11 0.74
C GLY A 58 9.85 -5.96 0.62
N GLY A 59 10.27 -6.56 1.73
CA GLY A 59 11.36 -7.51 1.67
C GLY A 59 11.05 -8.73 0.81
N GLN A 60 9.82 -9.24 0.92
CA GLN A 60 9.41 -10.39 0.13
C GLN A 60 9.35 -10.04 -1.35
N ARG A 61 8.82 -8.86 -1.70
CA ARG A 61 8.73 -8.46 -3.10
C ARG A 61 10.11 -8.28 -3.70
N ALA A 62 11.02 -7.64 -2.97
CA ALA A 62 12.38 -7.46 -3.44
C ALA A 62 13.07 -8.80 -3.66
N ALA A 63 12.87 -9.74 -2.73
CA ALA A 63 13.43 -11.09 -2.93
C ALA A 63 12.82 -11.78 -4.13
N TRP A 64 11.49 -11.71 -4.27
CA TRP A 64 10.81 -12.32 -5.41
C TRP A 64 11.36 -11.78 -6.73
N ARG A 65 11.61 -10.47 -6.81
CA ARG A 65 12.10 -9.92 -8.07
C ARG A 65 13.51 -10.43 -8.39
N VAL A 66 14.38 -10.52 -7.38
CA VAL A 66 15.70 -11.10 -7.58
C VAL A 66 15.56 -12.52 -8.11
N LEU A 67 14.74 -13.34 -7.45
CA LEU A 67 14.61 -14.74 -7.83
C LEU A 67 13.95 -14.90 -9.20
N SER A 68 12.91 -14.11 -9.48
CA SER A 68 12.24 -14.18 -10.78
C SER A 68 13.20 -13.84 -11.91
N SER A 69 14.10 -12.88 -11.69
N SER A 69 14.06 -12.85 -11.71
CA SER A 69 15.03 -12.50 -12.76
CA SER A 69 15.04 -12.51 -12.73
C SER A 69 16.10 -13.57 -12.95
C SER A 69 15.99 -13.67 -12.96
N ILE A 70 16.51 -14.26 -11.88
CA ILE A 70 17.41 -15.40 -12.02
C ILE A 70 16.69 -16.52 -12.76
N GLU A 71 15.44 -16.78 -12.40
CA GLU A 71 14.66 -17.83 -13.04
C GLU A 71 14.51 -17.57 -14.52
N GLN A 72 14.20 -16.32 -14.89
CA GLN A 72 14.04 -15.96 -16.30
C GLN A 72 15.33 -16.22 -17.06
N LYS A 73 16.45 -15.70 -16.55
CA LYS A 73 17.74 -15.94 -17.18
C LYS A 73 17.97 -17.43 -17.41
N SER A 74 17.59 -18.26 -16.44
CA SER A 74 17.83 -19.69 -16.54
C SER A 74 16.92 -20.37 -17.55
N ASN A 75 15.95 -19.66 -18.10
CA ASN A 75 15.06 -20.21 -19.11
C ASN A 75 15.34 -19.63 -20.50
N GLU A 76 16.41 -18.84 -20.65
CA GLU A 76 16.76 -18.27 -21.95
C GLU A 76 17.61 -19.23 -22.76
N GLY A 83 18.12 -27.51 -13.00
CA GLY A 83 17.29 -28.20 -12.04
C GLY A 83 16.14 -27.35 -11.53
N PRO A 84 15.34 -27.90 -10.62
CA PRO A 84 14.10 -27.24 -10.19
C PRO A 84 14.29 -26.22 -9.08
N GLU A 85 15.53 -26.00 -8.62
CA GLU A 85 15.73 -25.31 -7.35
C GLU A 85 15.34 -23.83 -7.43
N VAL A 86 15.67 -23.16 -8.53
CA VAL A 86 15.33 -21.74 -8.63
C VAL A 86 13.82 -21.55 -8.61
N ARG A 87 13.12 -22.30 -9.46
CA ARG A 87 11.66 -22.23 -9.47
C ARG A 87 11.08 -22.56 -8.11
N GLU A 88 11.60 -23.62 -7.47
CA GLU A 88 11.08 -24.01 -6.17
C GLU A 88 11.21 -22.89 -5.16
N TYR A 89 12.39 -22.26 -5.13
CA TYR A 89 12.65 -21.25 -4.11
C TYR A 89 11.87 -19.97 -4.40
N ARG A 90 11.77 -19.58 -5.68
CA ARG A 90 10.89 -18.48 -6.05
C ARG A 90 9.44 -18.76 -5.63
N GLU A 91 8.98 -20.00 -5.84
CA GLU A 91 7.63 -20.38 -5.42
C GLU A 91 7.47 -20.27 -3.91
N LYS A 92 8.49 -20.66 -3.15
CA LYS A 92 8.42 -20.59 -1.69
C LYS A 92 8.24 -19.16 -1.25
N VAL A 93 9.07 -18.25 -1.77
CA VAL A 93 8.96 -16.83 -1.44
C VAL A 93 7.60 -16.28 -1.89
N GLU A 94 7.19 -16.62 -3.12
CA GLU A 94 5.89 -16.18 -3.64
C GLU A 94 4.75 -16.62 -2.74
N THR A 95 4.76 -17.87 -2.30
CA THR A 95 3.71 -18.37 -1.43
C THR A 95 3.68 -17.61 -0.10
N GLU A 96 4.85 -17.33 0.47
N GLU A 96 4.85 -17.31 0.47
CA GLU A 96 4.91 -16.59 1.72
CA GLU A 96 4.86 -16.59 1.73
C GLU A 96 4.38 -15.18 1.53
C GLU A 96 4.36 -15.16 1.53
N LEU A 97 4.75 -14.54 0.43
CA LEU A 97 4.24 -13.21 0.08
C LEU A 97 2.73 -13.21 -0.06
N GLN A 98 2.17 -14.17 -0.80
CA GLN A 98 0.73 -14.26 -0.95
C GLN A 98 0.06 -14.43 0.40
N GLY A 99 0.68 -15.19 1.29
CA GLY A 99 0.10 -15.37 2.61
C GLY A 99 0.03 -14.08 3.39
N VAL A 100 1.07 -13.25 3.31
CA VAL A 100 1.05 -11.94 3.94
C VAL A 100 -0.06 -11.07 3.34
N CYS A 101 -0.14 -11.03 1.99
CA CYS A 101 -1.20 -10.23 1.38
C CYS A 101 -2.57 -10.72 1.81
N ASP A 102 -2.78 -12.05 1.86
CA ASP A 102 -4.05 -12.59 2.28
C ASP A 102 -4.38 -12.20 3.73
N THR A 103 -3.36 -12.18 4.59
CA THR A 103 -3.58 -11.79 5.99
C THR A 103 -4.04 -10.34 6.08
N VAL A 104 -3.35 -9.45 5.37
CA VAL A 104 -3.72 -8.02 5.38
C VAL A 104 -5.13 -7.85 4.82
N LEU A 105 -5.41 -8.45 3.67
CA LEU A 105 -6.74 -8.33 3.09
C LEU A 105 -7.80 -8.90 4.02
N GLY A 106 -7.46 -9.95 4.77
CA GLY A 106 -8.40 -10.49 5.74
C GLY A 106 -8.69 -9.55 6.89
N LEU A 107 -7.68 -8.80 7.33
CA LEU A 107 -7.91 -7.80 8.38
C LEU A 107 -8.80 -6.69 7.86
N LEU A 108 -8.58 -6.26 6.62
CA LEU A 108 -9.41 -5.19 6.04
C LEU A 108 -10.85 -5.64 5.88
N ASP A 109 -11.06 -6.90 5.49
CA ASP A 109 -12.40 -7.44 5.29
C ASP A 109 -13.07 -7.88 6.59
N SER A 110 -12.29 -8.09 7.65
CA SER A 110 -12.83 -8.62 8.91
C SER A 110 -12.15 -7.90 10.08
N HIS A 111 -12.58 -6.67 10.39
CA HIS A 111 -13.71 -5.93 9.82
C HIS A 111 -13.39 -4.44 9.70
N LEU A 112 -12.15 -4.11 9.34
CA LEU A 112 -11.73 -2.72 9.37
C LEU A 112 -12.54 -1.84 8.41
N ILE A 113 -12.72 -2.29 7.17
CA ILE A 113 -13.38 -1.43 6.18
C ILE A 113 -14.84 -1.19 6.56
N LYS A 114 -15.56 -2.24 6.95
CA LYS A 114 -17.00 -2.04 7.16
C LYS A 114 -17.27 -1.13 8.34
N GLU A 115 -16.36 -1.08 9.31
CA GLU A 115 -16.54 -0.19 10.45
C GLU A 115 -15.96 1.20 10.22
N ALA A 116 -15.33 1.47 9.07
CA ALA A 116 -14.67 2.74 8.82
C ALA A 116 -15.67 3.69 8.14
N GLY A 117 -16.12 4.69 8.87
CA GLY A 117 -17.08 5.63 8.33
C GLY A 117 -16.49 6.96 7.91
N ASP A 118 -15.46 7.41 8.60
CA ASP A 118 -14.84 8.67 8.24
C ASP A 118 -14.04 8.51 6.97
N ALA A 119 -13.98 9.58 6.18
CA ALA A 119 -13.22 9.55 4.94
C ALA A 119 -11.75 9.18 5.16
N GLU A 120 -11.09 9.77 6.18
CA GLU A 120 -9.67 9.47 6.36
C GLU A 120 -9.44 7.99 6.63
N SER A 121 -10.33 7.36 7.41
CA SER A 121 -10.10 5.95 7.69
C SER A 121 -10.54 5.08 6.52
N ARG A 122 -11.70 5.38 5.92
CA ARG A 122 -12.18 4.54 4.83
C ARG A 122 -11.27 4.60 3.61
N VAL A 123 -10.79 5.80 3.25
CA VAL A 123 -9.87 5.92 2.12
C VAL A 123 -8.56 5.22 2.43
N PHE A 124 -8.05 5.37 3.66
CA PHE A 124 -6.81 4.68 4.03
C PHE A 124 -6.91 3.18 3.81
N TYR A 125 -8.01 2.57 4.27
CA TYR A 125 -8.14 1.13 4.21
C TYR A 125 -8.40 0.65 2.79
N LEU A 126 -9.18 1.42 2.02
CA LEU A 126 -9.45 1.02 0.63
C LEU A 126 -8.20 1.14 -0.23
N LYS A 127 -7.37 2.17 0.02
CA LYS A 127 -6.06 2.24 -0.61
C LYS A 127 -5.21 1.01 -0.27
N MET A 128 -5.19 0.64 1.02
CA MET A 128 -4.43 -0.54 1.42
C MET A 128 -4.94 -1.78 0.70
N LYS A 129 -6.27 -1.92 0.58
CA LYS A 129 -6.85 -3.06 -0.13
C LYS A 129 -6.37 -3.09 -1.57
N GLY A 130 -6.38 -1.94 -2.24
CA GLY A 130 -5.83 -1.86 -3.59
C GLY A 130 -4.35 -2.24 -3.63
N ASP A 131 -3.59 -1.73 -2.68
CA ASP A 131 -2.16 -2.00 -2.62
C ASP A 131 -1.89 -3.50 -2.51
N TYR A 132 -2.61 -4.20 -1.63
CA TYR A 132 -2.26 -5.61 -1.39
C TYR A 132 -2.82 -6.50 -2.50
N TYR A 133 -3.92 -6.12 -3.16
CA TYR A 133 -4.29 -6.82 -4.39
C TYR A 133 -3.27 -6.54 -5.50
N ARG A 134 -2.73 -5.32 -5.55
CA ARG A 134 -1.68 -5.03 -6.51
C ARG A 134 -0.45 -5.92 -6.29
N TYR A 135 -0.04 -6.12 -5.03
CA TYR A 135 1.10 -7.02 -4.77
C TYR A 135 0.76 -8.46 -5.19
N LEU A 136 -0.47 -8.90 -4.95
CA LEU A 136 -0.90 -10.19 -5.47
C LEU A 136 -0.80 -10.21 -7.00
N ALA A 137 -1.18 -9.11 -7.65
CA ALA A 137 -1.14 -9.08 -9.12
C ALA A 137 0.27 -9.11 -9.67
N GLU A 138 1.24 -8.53 -8.94
CA GLU A 138 2.63 -8.53 -9.39
C GLU A 138 3.17 -9.94 -9.64
N VAL A 139 2.66 -10.93 -8.90
CA VAL A 139 3.15 -12.31 -9.01
C VAL A 139 2.13 -13.25 -9.64
N ALA A 140 0.96 -12.74 -10.04
CA ALA A 140 -0.13 -13.58 -10.52
C ALA A 140 0.09 -14.00 -11.97
N THR A 141 -0.27 -15.25 -12.28
CA THR A 141 -0.15 -15.74 -13.66
C THR A 141 -1.29 -16.65 -14.13
N GLY A 142 -2.20 -17.11 -13.27
CA GLY A 142 -3.17 -18.13 -13.63
C GLY A 142 -4.58 -17.63 -13.89
N ASP A 143 -5.56 -18.52 -13.67
CA ASP A 143 -6.96 -18.29 -14.02
C ASP A 143 -7.54 -17.04 -13.35
N ASP A 144 -6.99 -16.61 -12.22
CA ASP A 144 -7.60 -15.57 -11.40
C ASP A 144 -6.86 -14.24 -11.49
N LYS A 145 -5.84 -14.13 -12.35
CA LYS A 145 -5.07 -12.89 -12.42
C LYS A 145 -5.95 -11.71 -12.83
N LYS A 146 -6.83 -11.89 -13.80
CA LYS A 146 -7.65 -10.74 -14.21
C LYS A 146 -8.56 -10.29 -13.08
N ARG A 147 -9.10 -11.24 -12.31
CA ARG A 147 -9.95 -10.90 -11.19
C ARG A 147 -9.15 -10.22 -10.09
N ILE A 148 -7.91 -10.65 -9.88
CA ILE A 148 -7.05 -9.98 -8.91
C ILE A 148 -6.83 -8.52 -9.32
N ILE A 149 -6.55 -8.29 -10.60
CA ILE A 149 -6.32 -6.95 -11.10
C ILE A 149 -7.57 -6.12 -10.92
N ASP A 150 -8.73 -6.69 -11.23
CA ASP A 150 -9.96 -5.90 -11.11
C ASP A 150 -10.29 -5.60 -9.67
N SER A 151 -9.92 -6.51 -8.75
CA SER A 151 -10.15 -6.23 -7.34
C SER A 151 -9.31 -5.06 -6.86
N ALA A 152 -8.05 -5.01 -7.29
CA ALA A 152 -7.23 -3.83 -6.98
C ALA A 152 -7.85 -2.57 -7.56
N ARG A 153 -8.24 -2.61 -8.84
CA ARG A 153 -8.82 -1.44 -9.48
C ARG A 153 -10.06 -0.97 -8.73
N SER A 154 -10.93 -1.92 -8.36
CA SER A 154 -12.18 -1.54 -7.73
C SER A 154 -11.94 -0.88 -6.38
N ALA A 155 -10.97 -1.36 -5.62
CA ALA A 155 -10.68 -0.77 -4.30
C ALA A 155 -10.11 0.62 -4.46
N TYR A 156 -9.13 0.77 -5.37
CA TYR A 156 -8.56 2.08 -5.67
C TYR A 156 -9.63 3.07 -6.13
N GLN A 157 -10.54 2.62 -7.01
CA GLN A 157 -11.55 3.51 -7.55
C GLN A 157 -12.49 4.03 -6.49
N GLU A 158 -12.98 3.14 -5.61
CA GLU A 158 -13.83 3.60 -4.52
C GLU A 158 -13.09 4.58 -3.62
N ALA A 159 -11.83 4.31 -3.35
CA ALA A 159 -11.05 5.23 -2.52
C ALA A 159 -10.91 6.58 -3.20
N MET A 160 -10.66 6.57 -4.51
CA MET A 160 -10.53 7.81 -5.25
C MET A 160 -11.84 8.60 -5.20
N ASP A 161 -12.97 7.92 -5.42
CA ASP A 161 -14.26 8.61 -5.44
C ASP A 161 -14.52 9.32 -4.11
N ILE A 162 -14.29 8.63 -2.99
CA ILE A 162 -14.47 9.24 -1.67
C ILE A 162 -13.48 10.39 -1.47
N SER A 163 -12.21 10.17 -1.80
CA SER A 163 -11.19 11.19 -1.53
C SER A 163 -11.47 12.46 -2.31
N LYS A 164 -11.95 12.33 -3.55
CA LYS A 164 -12.26 13.51 -4.33
C LYS A 164 -13.44 14.29 -3.75
N LYS A 165 -14.42 13.60 -3.19
N LYS A 165 -14.40 13.58 -3.15
CA LYS A 165 -15.57 14.26 -2.58
CA LYS A 165 -15.59 14.20 -2.58
C LYS A 165 -15.24 14.86 -1.21
C LYS A 165 -15.36 14.75 -1.18
N GLU A 166 -14.43 14.17 -0.41
CA GLU A 166 -14.33 14.45 1.02
C GLU A 166 -13.01 15.05 1.48
N MET A 167 -11.98 15.10 0.65
CA MET A 167 -10.65 15.52 1.08
C MET A 167 -10.12 16.58 0.14
N PRO A 168 -9.33 17.52 0.65
CA PRO A 168 -8.68 18.51 -0.24
C PRO A 168 -7.61 17.85 -1.08
N PRO A 169 -7.24 18.47 -2.21
CA PRO A 169 -6.30 17.83 -3.13
C PRO A 169 -4.89 17.71 -2.59
N THR A 170 -4.54 18.39 -1.51
CA THR A 170 -3.25 18.24 -0.88
C THR A 170 -3.22 17.21 0.24
N ASN A 171 -4.35 16.62 0.59
CA ASN A 171 -4.36 15.63 1.66
CA ASN A 171 -4.36 15.64 1.67
C ASN A 171 -3.36 14.51 1.41
N PRO A 172 -2.46 14.22 2.33
CA PRO A 172 -1.42 13.21 2.04
C PRO A 172 -1.94 11.81 1.76
N ILE A 173 -3.06 11.42 2.37
CA ILE A 173 -3.65 10.12 2.05
C ILE A 173 -4.15 10.12 0.62
N ARG A 174 -4.84 11.19 0.22
CA ARG A 174 -5.32 11.34 -1.16
C ARG A 174 -4.17 11.31 -2.15
N LEU A 175 -3.09 12.01 -1.84
CA LEU A 175 -1.93 12.04 -2.72
C LEU A 175 -1.26 10.67 -2.85
N GLY A 176 -1.07 9.98 -1.73
CA GLY A 176 -0.45 8.66 -1.78
C GLY A 176 -1.33 7.65 -2.49
N LEU A 177 -2.64 7.78 -2.33
CA LEU A 177 -3.57 6.94 -3.08
C LEU A 177 -3.40 7.15 -4.58
N ALA A 178 -3.38 8.42 -5.01
CA ALA A 178 -3.29 8.71 -6.43
C ALA A 178 -1.96 8.23 -6.99
N LEU A 179 -0.89 8.44 -6.23
CA LEU A 179 0.42 7.92 -6.62
C LEU A 179 0.38 6.41 -6.89
N ASN A 180 -0.18 5.65 -5.96
CA ASN A 180 -0.19 4.19 -6.09
C ASN A 180 -1.17 3.73 -7.16
N PHE A 181 -2.32 4.39 -7.30
CA PHE A 181 -3.23 4.04 -8.40
C PHE A 181 -2.55 4.33 -9.73
N SER A 182 -1.72 5.36 -9.79
N SER A 182 -1.74 5.38 -9.78
CA SER A 182 -1.01 5.66 -11.04
CA SER A 182 -1.00 5.68 -11.01
C SER A 182 0.04 4.59 -11.34
C SER A 182 0.00 4.57 -11.32
N VAL A 183 0.73 4.10 -10.30
CA VAL A 183 1.65 2.96 -10.50
C VAL A 183 0.88 1.71 -10.93
N PHE A 184 -0.29 1.47 -10.32
CA PHE A 184 -1.15 0.37 -10.77
C PHE A 184 -1.42 0.47 -12.28
N HIS A 185 -1.87 1.66 -12.72
CA HIS A 185 -2.15 1.83 -14.15
C HIS A 185 -0.92 1.53 -14.98
N TYR A 186 0.22 2.04 -14.56
CA TYR A 186 1.40 1.98 -15.41
C TYR A 186 1.89 0.55 -15.56
N GLU A 187 2.05 -0.18 -14.46
CA GLU A 187 2.78 -1.44 -14.56
C GLU A 187 1.93 -2.68 -14.31
N ILE A 188 0.70 -2.54 -13.84
CA ILE A 188 -0.21 -3.68 -13.67
C ILE A 188 -1.25 -3.72 -14.78
N ALA A 189 -1.90 -2.58 -15.05
CA ALA A 189 -2.99 -2.52 -16.01
C ALA A 189 -2.53 -2.21 -17.42
N ASN A 190 -1.23 -2.01 -17.63
CA ASN A 190 -0.69 -1.69 -18.96
C ASN A 190 -1.40 -0.47 -19.55
N SER A 191 -1.62 0.54 -18.72
CA SER A 191 -2.28 1.79 -19.10
C SER A 191 -1.36 2.96 -18.77
N PRO A 192 -0.20 3.04 -19.40
CA PRO A 192 0.75 4.12 -19.07
C PRO A 192 0.18 5.52 -19.31
N GLU A 193 -0.68 5.72 -20.29
CA GLU A 193 -1.27 7.05 -20.48
C GLU A 193 -2.18 7.43 -19.32
N GLU A 194 -3.01 6.50 -18.86
CA GLU A 194 -3.82 6.77 -17.67
C GLU A 194 -2.94 7.09 -16.48
N ALA A 195 -1.84 6.35 -16.31
CA ALA A 195 -0.92 6.60 -15.21
C ALA A 195 -0.35 8.01 -15.25
N ILE A 196 0.12 8.42 -16.42
CA ILE A 196 0.69 9.76 -16.58
C ILE A 196 -0.36 10.84 -16.37
N SER A 197 -1.54 10.66 -16.95
N SER A 197 -1.55 10.67 -16.94
CA SER A 197 -2.62 11.63 -16.76
CA SER A 197 -2.61 11.65 -16.75
C SER A 197 -2.96 11.80 -15.29
C SER A 197 -2.99 11.79 -15.28
N LEU A 198 -3.14 10.68 -14.57
CA LEU A 198 -3.49 10.77 -13.17
C LEU A 198 -2.40 11.47 -12.36
N ALA A 199 -1.14 11.12 -12.61
CA ALA A 199 -0.05 11.75 -11.84
C ALA A 199 -0.01 13.25 -12.09
N LYS A 200 -0.16 13.67 -13.34
CA LYS A 200 -0.10 15.10 -13.69
C LYS A 200 -1.28 15.87 -13.09
N THR A 201 -2.51 15.37 -13.27
CA THR A 201 -3.67 16.03 -12.70
C THR A 201 -3.60 16.10 -11.17
N THR A 202 -3.15 15.02 -10.54
CA THR A 202 -2.99 15.03 -9.09
C THR A 202 -1.97 16.08 -8.65
N PHE A 203 -0.82 16.11 -9.33
CA PHE A 203 0.22 17.08 -9.00
C PHE A 203 -0.28 18.53 -9.16
N ASP A 204 -0.93 18.81 -10.29
CA ASP A 204 -1.36 20.18 -10.61
C ASP A 204 -2.45 20.66 -9.65
N GLU A 205 -3.40 19.80 -9.31
CA GLU A 205 -4.45 20.21 -8.38
C GLU A 205 -3.92 20.38 -6.96
N ALA A 206 -2.92 19.60 -6.57
CA ALA A 206 -2.29 19.80 -5.28
C ALA A 206 -1.52 21.12 -5.26
N MET A 207 -0.76 21.40 -6.31
N MET A 207 -0.74 21.38 -6.30
CA MET A 207 -0.01 22.65 -6.39
CA MET A 207 -0.03 22.65 -6.44
C MET A 207 -0.91 23.86 -6.17
C MET A 207 -0.93 23.83 -6.14
N ALA A 208 -2.10 23.84 -6.77
CA ALA A 208 -3.00 24.99 -6.66
C ALA A 208 -3.65 25.11 -5.30
N ASP A 209 -3.53 24.08 -4.44
CA ASP A 209 -4.09 24.09 -3.09
C ASP A 209 -3.02 24.34 -2.01
N LEU A 210 -1.75 24.41 -2.39
CA LEU A 210 -0.71 24.56 -1.36
C LEU A 210 -0.87 25.85 -0.57
N HIS A 211 -1.48 26.87 -1.17
CA HIS A 211 -1.52 28.18 -0.51
C HIS A 211 -2.38 28.15 0.74
N THR A 212 -3.24 27.14 0.91
CA THR A 212 -4.11 27.03 2.07
C THR A 212 -3.45 26.41 3.28
N LEU A 213 -2.23 25.92 3.15
CA LEU A 213 -1.62 25.05 4.14
C LEU A 213 -0.68 25.78 5.09
N SER A 214 -0.56 25.24 6.28
CA SER A 214 0.50 25.59 7.21
C SER A 214 1.85 25.12 6.68
N GLU A 215 2.91 25.63 7.30
CA GLU A 215 4.25 25.22 6.91
C GLU A 215 4.45 23.71 7.09
N ASP A 216 3.90 23.13 8.16
CA ASP A 216 4.06 21.69 8.38
C ASP A 216 3.28 20.88 7.35
N SER A 217 2.01 21.23 7.13
CA SER A 217 1.23 20.55 6.11
C SER A 217 1.85 20.71 4.74
N TYR A 218 2.34 21.91 4.43
CA TYR A 218 3.02 22.14 3.16
C TYR A 218 4.17 21.15 2.97
N LYS A 219 4.96 20.93 4.02
CA LYS A 219 6.06 19.97 3.91
C LYS A 219 5.54 18.56 3.65
N ASP A 220 4.48 18.15 4.38
CA ASP A 220 3.87 16.84 4.19
C ASP A 220 3.42 16.62 2.75
N SER A 221 2.68 17.57 2.21
CA SER A 221 2.13 17.43 0.85
C SER A 221 3.21 17.49 -0.23
N THR A 222 4.13 18.43 -0.12
CA THR A 222 5.12 18.57 -1.18
C THR A 222 6.07 17.37 -1.21
N LEU A 223 6.25 16.68 -0.08
CA LEU A 223 7.06 15.47 -0.08
C LEU A 223 6.47 14.42 -1.02
N ILE A 224 5.17 14.22 -0.96
CA ILE A 224 4.53 13.23 -1.82
C ILE A 224 4.39 13.74 -3.23
N MET A 225 4.13 15.03 -3.42
CA MET A 225 4.11 15.59 -4.76
C MET A 225 5.42 15.32 -5.48
N GLN A 226 6.55 15.34 -4.74
CA GLN A 226 7.83 15.11 -5.38
C GLN A 226 7.92 13.70 -5.92
N LEU A 227 7.28 12.73 -5.27
CA LEU A 227 7.26 11.37 -5.81
C LEU A 227 6.45 11.28 -7.10
N LEU A 228 5.30 11.99 -7.15
CA LEU A 228 4.56 12.11 -8.40
C LEU A 228 5.43 12.70 -9.50
N ARG A 229 6.14 13.77 -9.20
N ARG A 229 6.15 13.76 -9.20
CA ARG A 229 6.97 14.42 -10.21
CA ARG A 229 6.95 14.41 -10.23
C ARG A 229 8.06 13.48 -10.70
C ARG A 229 8.08 13.49 -10.71
N ASP A 230 8.71 12.77 -9.77
CA ASP A 230 9.80 11.90 -10.15
C ASP A 230 9.31 10.75 -11.04
N ASN A 231 8.13 10.22 -10.76
CA ASN A 231 7.56 9.23 -11.65
C ASN A 231 7.28 9.81 -13.03
N LEU A 232 6.70 11.02 -13.09
CA LEU A 232 6.45 11.61 -14.41
C LEU A 232 7.75 11.77 -15.20
N THR A 233 8.83 12.15 -14.51
CA THR A 233 10.13 12.29 -15.17
C THR A 233 10.66 10.94 -15.67
N LEU A 234 10.41 9.89 -14.93
CA LEU A 234 10.80 8.56 -15.38
C LEU A 234 9.95 8.09 -16.56
N TRP A 235 8.67 8.47 -16.58
CA TRP A 235 7.72 7.93 -17.54
C TRP A 235 7.59 8.75 -18.81
N THR A 236 8.18 9.94 -18.88
CA THR A 236 8.02 10.83 -20.05
C THR A 236 9.36 11.36 -20.57
N ARG B 3 13.90 3.05 -10.34
CA ARG B 3 12.64 2.38 -10.00
C ARG B 3 11.57 3.36 -9.54
N ARG B 4 10.36 3.24 -10.10
CA ARG B 4 9.28 4.15 -9.80
C ARG B 4 8.94 4.11 -8.31
N PHE B 5 8.38 5.22 -7.82
CA PHE B 5 8.01 5.34 -6.44
C PHE B 5 6.56 4.97 -6.22
N SEP B 6 6.30 4.22 -5.15
CA SEP B 6 4.96 4.14 -4.61
CB SEP B 6 4.44 2.69 -4.59
OG SEP B 6 5.36 1.91 -3.85
C SEP B 6 5.01 4.77 -3.22
O SEP B 6 6.08 5.14 -2.73
P SEP B 6 4.91 0.36 -3.74
O1P SEP B 6 6.08 -0.23 -2.84
O2P SEP B 6 4.89 -0.33 -5.17
O3P SEP B 6 3.48 0.31 -3.02
N ALA B 7 3.85 4.92 -2.59
CA ALA B 7 3.72 5.79 -1.44
C ALA B 7 4.55 5.30 -0.26
N GLY B 8 4.56 3.99 -0.07
CA GLY B 8 5.27 3.43 1.07
C GLY B 8 6.78 3.58 0.99
N MET B 9 7.30 3.96 -0.16
CA MET B 9 8.73 4.11 -0.35
C MET B 9 9.06 5.57 -0.62
CL CL C . 6.82 -9.39 23.97
C02 09W D . 5.09 5.80 12.46
C04 09W D . 4.11 6.94 12.23
C05 09W D . 3.32 7.48 13.29
C06 09W D . 2.43 8.60 12.75
C07 09W D . 2.68 8.77 11.35
C08 09W D . 1.94 9.84 10.58
C10 09W D . 3.45 9.96 8.50
C12 09W D . 3.30 10.18 7.01
C13 09W D . 2.68 11.43 6.78
C15 09W D . 1.20 13.16 7.02
C16 09W D . 1.78 13.18 5.65
C17 09W D . 2.42 11.84 5.50
C18 09W D . 2.77 11.02 4.40
C19 09W D . 3.39 9.78 4.63
C20 09W D . 3.65 9.35 5.95
C22 09W D . 1.46 9.42 13.60
C23 09W D . 0.19 9.78 13.15
C24 09W D . -0.65 10.54 13.97
C25 09W D . -0.24 10.94 15.22
C26 09W D . 1.03 10.59 15.67
C27 09W D . 1.88 9.84 14.86
N01 09W D . 5.94 5.28 11.39
N03 09W D . 5.17 5.34 13.63
N09 09W D . 2.16 9.96 9.16
O11 09W D . 4.49 9.87 9.05
O14 09W D . 2.21 12.45 7.75
S21 09W D . 3.81 7.70 10.84
H051 09W D . 3.33 7.20 14.17
H081 09W D . 2.16 10.69 10.98
H082 09W D . 0.99 9.67 10.70
H151 09W D . 1.10 14.06 7.37
H152 09W D . 0.35 12.66 7.03
H161 09W D . 2.46 13.87 5.59
H162 09W D . 1.07 13.27 4.99
H181 09W D . 2.60 11.30 3.53
H191 09W D . 3.63 9.24 3.92
H201 09W D . 4.05 8.53 6.11
H231 09W D . -0.09 9.52 12.31
H241 09W D . -1.50 10.78 13.66
H251 09W D . -0.80 11.45 15.77
H261 09W D . 1.32 10.86 16.51
H271 09W D . 2.73 9.61 15.16
H011 09W D . 6.48 4.64 11.55
H031 09W D . 5.73 4.67 13.81
H091 09W D . 1.47 10.04 8.66
H012 09W D . 5.89 5.62 10.59
#